data_4OMJ
#
_entry.id   4OMJ
#
_cell.length_a   71.880
_cell.length_b   73.800
_cell.length_c   94.450
_cell.angle_alpha   90.00
_cell.angle_beta   96.29
_cell.angle_gamma   90.00
#
_symmetry.space_group_name_H-M   'P 1 21 1'
#
loop_
_entity.id
_entity.type
_entity.pdbx_description
1 polymer 'SEC14-like protein 2'
2 non-polymer 'SULFATE ION'
3 non-polymer 'CHLORIDE ION'
4 non-polymer (3S)-2,2-dimethyl-3-[(3E,7E,11E,15E)-3,7,12,16,20-pentamethylhenicosa-3,7,11,15,19-pentaen-1-yl]oxirane
5 water water
#
_entity_poly.entity_id   1
_entity_poly.type   'polypeptide(L)'
_entity_poly.pdbx_seq_one_letter_code
;GSHMSGRVGDLSPRQKEALAKFRENVQDVLPALPNPDDYFLLRWLRARSFDLQKSEAMLRKHVEFRKQKDIDNIISWQPP
EVIQQYLSGGMCGYDLDGCPVWYDIIGPLDAKGLLFSASKQDLLRTKMRECELLLQECAHQTTKLGRKVETITIIYDCEG
LGLKHLWKPAVEAYGEFLCMFEENYPETLKRLFVVKAPKLFPVAYNLIKPFLSEDTRKKIMVLGANWKEVLLKHISPDQV
PVEYGGTMTDPDGNPKCKSKINYGGDIPRKYYVRDQVK
;
_entity_poly.pdbx_strand_id   A,B
#
# COMPACT_ATOMS: atom_id res chain seq x y z
N MET A 4 -35.52 -5.75 1.65
CA MET A 4 -35.93 -4.38 1.97
C MET A 4 -34.80 -3.39 1.64
N SER A 5 -35.03 -2.58 0.61
CA SER A 5 -33.98 -1.83 -0.05
C SER A 5 -33.60 -0.50 0.62
N GLY A 6 -34.41 -0.04 1.57
CA GLY A 6 -34.14 1.23 2.22
C GLY A 6 -34.36 2.43 1.32
N ARG A 7 -35.19 2.25 0.30
CA ARG A 7 -35.55 3.28 -0.65
C ARG A 7 -37.00 3.70 -0.49
N VAL A 8 -37.28 4.92 -0.91
CA VAL A 8 -38.67 5.42 -0.94
C VAL A 8 -39.54 4.39 -1.60
N GLY A 9 -40.69 4.11 -0.97
CA GLY A 9 -41.65 3.17 -1.52
C GLY A 9 -41.50 1.77 -1.00
N ASP A 10 -40.39 1.50 -0.30
CA ASP A 10 -40.05 0.13 0.08
C ASP A 10 -39.68 -0.05 1.54
N LEU A 11 -39.57 1.06 2.27
CA LEU A 11 -39.20 0.99 3.66
C LEU A 11 -39.90 0.04 4.64
N SER A 12 -39.09 -0.56 5.53
CA SER A 12 -39.64 -1.33 6.65
C SER A 12 -40.18 -0.37 7.72
N PRO A 13 -41.02 -0.88 8.65
CA PRO A 13 -41.46 0.01 9.72
C PRO A 13 -40.32 0.67 10.51
N ARG A 14 -39.25 -0.06 10.82
CA ARG A 14 -38.12 0.51 11.55
C ARG A 14 -37.42 1.59 10.70
N GLN A 15 -37.35 1.38 9.38
CA GLN A 15 -36.70 2.36 8.52
C GLN A 15 -37.54 3.62 8.39
N LYS A 16 -38.86 3.45 8.28
CA LYS A 16 -39.75 4.60 8.20
C LYS A 16 -39.68 5.44 9.45
N GLU A 17 -39.65 4.78 10.62
CA GLU A 17 -39.55 5.49 11.88
C GLU A 17 -38.23 6.24 11.98
N ALA A 18 -37.14 5.60 11.56
CA ALA A 18 -35.83 6.23 11.59
C ALA A 18 -35.78 7.46 10.68
N LEU A 19 -36.33 7.32 9.49
CA LEU A 19 -36.40 8.45 8.57
C LEU A 19 -37.16 9.65 9.18
N ALA A 20 -38.31 9.39 9.81
CA ALA A 20 -39.09 10.48 10.39
C ALA A 20 -38.31 11.17 11.52
N LYS A 21 -37.64 10.38 12.35
CA LYS A 21 -36.81 10.95 13.42
C LYS A 21 -35.63 11.74 12.84
N PHE A 22 -35.03 11.20 11.79
CA PHE A 22 -33.89 11.85 11.17
C PHE A 22 -34.26 13.21 10.63
N ARG A 23 -35.36 13.30 9.88
CA ARG A 23 -35.78 14.58 9.35
C ARG A 23 -36.01 15.58 10.47
N GLU A 24 -36.66 15.14 11.52
CA GLU A 24 -36.89 15.99 12.69
C GLU A 24 -35.56 16.47 13.30
N ASN A 25 -34.60 15.54 13.43
CA ASN A 25 -33.31 15.82 14.06
C ASN A 25 -32.43 16.79 13.26
N VAL A 26 -32.51 16.75 11.94
CA VAL A 26 -31.65 17.57 11.11
C VAL A 26 -32.33 18.73 10.41
N GLN A 27 -33.56 19.05 10.82
CA GLN A 27 -34.33 20.03 10.10
C GLN A 27 -33.71 21.42 10.03
N ASP A 28 -32.84 21.73 10.98
CA ASP A 28 -32.17 23.02 11.02
C ASP A 28 -31.21 23.23 9.85
N VAL A 29 -30.65 22.15 9.30
CA VAL A 29 -29.74 22.29 8.15
C VAL A 29 -30.40 22.05 6.78
N LEU A 30 -31.65 21.58 6.76
CA LEU A 30 -32.27 21.29 5.48
C LEU A 30 -32.52 22.49 4.55
N PRO A 31 -32.85 23.68 5.09
CA PRO A 31 -33.14 24.79 4.18
C PRO A 31 -31.98 25.14 3.25
N ALA A 32 -30.76 24.88 3.71
CA ALA A 32 -29.58 25.24 2.95
C ALA A 32 -29.05 24.07 2.11
N LEU A 33 -29.77 22.96 2.11
CA LEU A 33 -29.42 21.81 1.28
C LEU A 33 -30.29 21.76 0.03
N PRO A 34 -29.74 21.21 -1.05
CA PRO A 34 -30.45 21.03 -2.31
C PRO A 34 -31.46 19.89 -2.19
N ASN A 35 -32.70 20.26 -2.40
CA ASN A 35 -33.80 19.29 -2.47
C ASN A 35 -33.76 18.18 -1.42
N PRO A 36 -33.89 18.56 -0.14
CA PRO A 36 -33.86 17.60 0.97
C PRO A 36 -35.11 16.71 1.11
N ASP A 37 -35.42 16.02 0.03
CA ASP A 37 -36.53 15.09 0.00
C ASP A 37 -36.17 13.77 0.69
N ASP A 38 -37.12 12.83 0.77
CA ASP A 38 -36.84 11.60 1.47
C ASP A 38 -35.68 10.85 0.78
N TYR A 39 -35.62 10.93 -0.55
CA TYR A 39 -34.59 10.23 -1.29
C TYR A 39 -33.22 10.74 -0.80
N PHE A 40 -33.09 12.05 -0.67
CA PHE A 40 -31.85 12.67 -0.20
C PHE A 40 -31.49 12.15 1.19
N LEU A 41 -32.44 12.24 2.12
CA LEU A 41 -32.17 11.85 3.49
C LEU A 41 -31.78 10.37 3.59
N LEU A 42 -32.44 9.53 2.81
CA LEU A 42 -32.22 8.09 2.87
C LEU A 42 -30.81 7.68 2.37
N ARG A 43 -30.17 8.53 1.56
CA ARG A 43 -28.80 8.22 1.15
C ARG A 43 -27.88 8.18 2.38
N TRP A 44 -28.05 9.15 3.28
CA TRP A 44 -27.22 9.27 4.49
C TRP A 44 -27.58 8.14 5.45
N LEU A 45 -28.87 7.87 5.63
CA LEU A 45 -29.30 6.76 6.48
C LEU A 45 -28.81 5.41 5.95
N ARG A 46 -28.94 5.14 4.65
CA ARG A 46 -28.46 3.86 4.13
C ARG A 46 -26.95 3.72 4.32
N ALA A 47 -26.23 4.82 4.18
CA ALA A 47 -24.75 4.83 4.29
C ALA A 47 -24.28 4.50 5.68
N ARG A 48 -25.17 4.64 6.65
CA ARG A 48 -24.80 4.35 8.04
C ARG A 48 -25.80 3.37 8.65
N SER A 49 -26.43 2.55 7.82
CA SER A 49 -27.34 1.49 8.27
C SER A 49 -28.40 2.00 9.24
N PHE A 50 -28.92 3.19 8.95
CA PHE A 50 -30.04 3.78 9.70
C PHE A 50 -29.69 4.10 11.17
N ASP A 51 -28.40 4.13 11.49
CA ASP A 51 -27.96 4.63 12.80
C ASP A 51 -28.17 6.14 12.82
N LEU A 52 -29.06 6.61 13.69
CA LEU A 52 -29.40 8.03 13.70
C LEU A 52 -28.24 8.97 14.05
N GLN A 53 -27.43 8.60 15.03
CA GLN A 53 -26.31 9.44 15.43
C GLN A 53 -25.27 9.54 14.32
N LYS A 54 -24.92 8.40 13.74
CA LYS A 54 -23.88 8.37 12.73
C LYS A 54 -24.35 9.04 11.45
N SER A 55 -25.60 8.79 11.08
CA SER A 55 -26.15 9.44 9.89
C SER A 55 -26.17 10.95 10.03
N GLU A 56 -26.55 11.45 11.21
CA GLU A 56 -26.58 12.89 11.44
C GLU A 56 -25.18 13.52 11.42
N ALA A 57 -24.24 12.80 12.01
CA ALA A 57 -22.85 13.27 12.01
C ALA A 57 -22.34 13.37 10.59
N MET A 58 -22.65 12.35 9.78
CA MET A 58 -22.23 12.33 8.37
C MET A 58 -22.83 13.49 7.58
N LEU A 59 -24.13 13.71 7.74
CA LEU A 59 -24.78 14.82 7.05
C LEU A 59 -24.26 16.18 7.51
N ARG A 60 -24.08 16.36 8.82
CA ARG A 60 -23.61 17.65 9.31
C ARG A 60 -22.16 17.97 8.83
N LYS A 61 -21.33 16.94 8.75
CA LYS A 61 -20.00 17.10 8.17
C LYS A 61 -20.10 17.54 6.70
N HIS A 62 -21.05 16.96 5.98
CA HIS A 62 -21.29 17.36 4.60
C HIS A 62 -21.73 18.80 4.46
N VAL A 63 -22.59 19.25 5.38
CA VAL A 63 -23.03 20.64 5.38
C VAL A 63 -21.81 21.58 5.53
N GLU A 64 -20.89 21.23 6.42
CA GLU A 64 -19.69 22.04 6.59
C GLU A 64 -18.82 22.00 5.32
N PHE A 65 -18.70 20.83 4.69
CA PHE A 65 -17.98 20.68 3.42
C PHE A 65 -18.57 21.61 2.35
N ARG A 66 -19.90 21.66 2.25
CA ARG A 66 -20.54 22.44 1.23
C ARG A 66 -20.18 23.91 1.41
N LYS A 67 -20.13 24.34 2.66
CA LYS A 67 -19.80 25.71 2.99
C LYS A 67 -18.34 26.03 2.67
N GLN A 68 -17.45 25.19 3.18
CA GLN A 68 -16.01 25.40 3.01
CA GLN A 68 -16.02 25.42 3.02
C GLN A 68 -15.59 25.36 1.55
N LYS A 69 -16.22 24.49 0.76
CA LYS A 69 -15.88 24.37 -0.66
C LYS A 69 -16.80 25.13 -1.64
N ASP A 70 -17.73 25.90 -1.09
CA ASP A 70 -18.62 26.70 -1.92
C ASP A 70 -19.31 25.84 -2.98
N ILE A 71 -19.87 24.72 -2.55
CA ILE A 71 -20.49 23.75 -3.46
C ILE A 71 -21.67 24.36 -4.22
N ASP A 72 -22.39 25.30 -3.61
CA ASP A 72 -23.55 25.90 -4.26
C ASP A 72 -23.19 26.57 -5.58
N ASN A 73 -21.95 27.03 -5.70
CA ASN A 73 -21.51 27.73 -6.90
C ASN A 73 -20.43 27.01 -7.72
N ILE A 74 -20.16 25.76 -7.40
CA ILE A 74 -19.03 25.07 -8.00
C ILE A 74 -19.28 24.74 -9.48
N ILE A 75 -20.53 24.58 -9.91
CA ILE A 75 -20.74 24.24 -11.30
C ILE A 75 -20.25 25.36 -12.24
N SER A 76 -20.36 26.61 -11.81
CA SER A 76 -19.87 27.74 -12.60
C SER A 76 -18.35 27.93 -12.54
N TRP A 77 -17.64 27.16 -11.71
CA TRP A 77 -16.17 27.26 -11.63
C TRP A 77 -15.46 26.40 -12.69
N GLN A 78 -14.84 27.05 -13.67
CA GLN A 78 -14.07 26.36 -14.68
C GLN A 78 -12.65 26.12 -14.16
N PRO A 79 -12.21 24.87 -14.16
CA PRO A 79 -10.85 24.59 -13.69
C PRO A 79 -9.75 25.33 -14.50
N PRO A 80 -8.53 25.45 -13.93
CA PRO A 80 -7.36 25.96 -14.66
C PRO A 80 -7.07 25.16 -15.94
N GLU A 81 -6.34 25.81 -16.85
CA GLU A 81 -6.13 25.31 -18.19
C GLU A 81 -5.59 23.89 -18.21
N VAL A 82 -4.56 23.61 -17.42
CA VAL A 82 -3.94 22.29 -17.47
C VAL A 82 -4.95 21.20 -17.10
N ILE A 83 -5.84 21.48 -16.16
CA ILE A 83 -6.82 20.50 -15.73
C ILE A 83 -7.91 20.35 -16.79
N GLN A 84 -8.42 21.47 -17.27
CA GLN A 84 -9.43 21.43 -18.33
C GLN A 84 -8.94 20.64 -19.53
N GLN A 85 -7.67 20.84 -19.91
CA GLN A 85 -7.15 20.19 -21.10
C GLN A 85 -6.71 18.74 -20.91
N TYR A 86 -6.21 18.38 -19.72
CA TYR A 86 -5.54 17.09 -19.56
C TYR A 86 -6.07 16.16 -18.47
N LEU A 87 -7.03 16.59 -17.67
CA LEU A 87 -7.63 15.68 -16.69
C LEU A 87 -8.68 14.85 -17.43
N SER A 88 -8.40 13.56 -17.58
CA SER A 88 -9.24 12.68 -18.39
C SER A 88 -10.58 12.39 -17.74
N GLY A 89 -11.48 11.89 -18.58
CA GLY A 89 -12.79 11.44 -18.19
C GLY A 89 -13.89 12.32 -18.75
N GLY A 90 -15.11 11.84 -18.61
CA GLY A 90 -16.25 12.66 -18.93
C GLY A 90 -17.58 11.94 -18.84
N MET A 91 -18.64 12.73 -18.79
CA MET A 91 -20.01 12.19 -18.80
C MET A 91 -20.45 11.98 -20.24
N CYS A 92 -20.95 10.79 -20.53
CA CYS A 92 -21.33 10.43 -21.88
C CYS A 92 -22.38 9.32 -21.84
N GLY A 93 -23.60 9.69 -22.26
CA GLY A 93 -24.66 8.71 -22.39
C GLY A 93 -25.40 8.46 -21.08
N TYR A 94 -26.45 7.65 -21.20
CA TYR A 94 -27.26 7.20 -20.08
C TYR A 94 -27.44 5.71 -20.20
N ASP A 95 -27.51 5.01 -19.09
CA ASP A 95 -27.71 3.57 -19.09
C ASP A 95 -29.18 3.22 -19.34
N LEU A 96 -29.46 1.93 -19.37
CA LEU A 96 -30.79 1.47 -19.76
C LEU A 96 -31.86 1.93 -18.78
N ASP A 97 -31.48 2.23 -17.54
CA ASP A 97 -32.44 2.72 -16.55
C ASP A 97 -32.49 4.27 -16.50
N GLY A 98 -31.71 4.93 -17.36
CA GLY A 98 -31.69 6.37 -17.43
C GLY A 98 -30.60 7.04 -16.60
N CYS A 99 -29.74 6.27 -15.97
CA CYS A 99 -28.68 6.83 -15.13
C CYS A 99 -27.55 7.39 -15.96
N PRO A 100 -27.03 8.57 -15.60
CA PRO A 100 -25.86 9.09 -16.30
C PRO A 100 -24.68 8.12 -16.18
N VAL A 101 -23.88 8.10 -17.24
CA VAL A 101 -22.67 7.29 -17.33
C VAL A 101 -21.46 8.22 -17.35
N TRP A 102 -20.47 7.90 -16.52
CA TRP A 102 -19.21 8.62 -16.43
C TRP A 102 -18.09 7.68 -16.85
N TYR A 103 -17.21 8.15 -17.74
CA TYR A 103 -16.03 7.41 -18.19
C TYR A 103 -14.81 7.96 -17.49
N ASP A 104 -14.04 7.06 -16.89
CA ASP A 104 -12.71 7.37 -16.37
C ASP A 104 -11.68 6.71 -17.28
N ILE A 105 -10.64 7.45 -17.65
CA ILE A 105 -9.65 6.98 -18.61
C ILE A 105 -8.29 7.07 -17.92
N ILE A 106 -7.82 5.96 -17.36
CA ILE A 106 -6.66 6.01 -16.48
C ILE A 106 -5.31 6.00 -17.23
N GLY A 107 -5.16 5.17 -18.24
CA GLY A 107 -3.87 4.96 -18.89
C GLY A 107 -3.17 6.23 -19.32
N PRO A 108 -3.88 7.10 -20.05
CA PRO A 108 -3.21 8.30 -20.58
C PRO A 108 -3.13 9.45 -19.59
N LEU A 109 -3.62 9.25 -18.38
CA LEU A 109 -3.57 10.25 -17.36
C LEU A 109 -2.12 10.45 -16.90
N ASP A 110 -1.63 11.69 -16.99
CA ASP A 110 -0.26 12.04 -16.59
C ASP A 110 -0.32 12.53 -15.15
N ALA A 111 -0.41 11.59 -14.21
CA ALA A 111 -0.63 11.97 -12.82
C ALA A 111 0.50 12.83 -12.30
N LYS A 112 1.73 12.49 -12.65
CA LYS A 112 2.87 13.31 -12.25
C LYS A 112 2.80 14.72 -12.84
N GLY A 113 2.54 14.82 -14.12
CA GLY A 113 2.43 16.11 -14.77
C GLY A 113 1.33 16.95 -14.14
N LEU A 114 0.22 16.30 -13.79
CA LEU A 114 -0.87 17.04 -13.17
C LEU A 114 -0.47 17.58 -11.80
N LEU A 115 0.14 16.75 -10.98
CA LEU A 115 0.55 17.20 -9.66
C LEU A 115 1.68 18.22 -9.72
N PHE A 116 2.43 18.25 -10.81
CA PHE A 116 3.48 19.26 -10.96
CA PHE A 116 3.48 19.25 -10.96
C PHE A 116 2.95 20.55 -11.59
N SER A 117 1.69 20.53 -12.06
CA SER A 117 1.11 21.67 -12.79
C SER A 117 -0.11 22.29 -12.13
N ALA A 118 -0.60 21.69 -11.07
CA ALA A 118 -1.82 22.16 -10.44
C ALA A 118 -1.73 21.91 -8.97
N SER A 119 -2.45 22.71 -8.20
CA SER A 119 -2.53 22.46 -6.78
C SER A 119 -3.42 21.26 -6.51
N LYS A 120 -3.11 20.56 -5.42
CA LYS A 120 -3.95 19.47 -4.99
C LYS A 120 -5.36 20.01 -4.73
N GLN A 121 -5.47 21.23 -4.18
CA GLN A 121 -6.80 21.77 -3.93
C GLN A 121 -7.63 21.95 -5.20
N ASP A 122 -7.01 22.36 -6.30
CA ASP A 122 -7.75 22.59 -7.53
C ASP A 122 -8.10 21.27 -8.19
N LEU A 123 -7.23 20.27 -8.07
CA LEU A 123 -7.53 18.93 -8.58
C LEU A 123 -8.73 18.33 -7.85
N LEU A 124 -8.73 18.43 -6.53
CA LEU A 124 -9.85 17.92 -5.73
C LEU A 124 -11.13 18.69 -6.01
N ARG A 125 -11.02 20.01 -6.18
CA ARG A 125 -12.19 20.83 -6.47
CA ARG A 125 -12.20 20.83 -6.47
C ARG A 125 -12.80 20.43 -7.82
N THR A 126 -11.95 20.10 -8.78
CA THR A 126 -12.43 19.68 -10.10
C THR A 126 -13.21 18.36 -9.95
N LYS A 127 -12.72 17.43 -9.14
CA LYS A 127 -13.45 16.17 -8.89
C LYS A 127 -14.78 16.43 -8.19
N MET A 128 -14.80 17.34 -7.21
CA MET A 128 -16.08 17.74 -6.58
C MET A 128 -17.06 18.26 -7.60
N ARG A 129 -16.58 19.12 -8.50
CA ARG A 129 -17.42 19.68 -9.52
C ARG A 129 -17.99 18.58 -10.41
N GLU A 130 -17.18 17.57 -10.74
CA GLU A 130 -17.69 16.44 -11.55
C GLU A 130 -18.86 15.75 -10.84
N CYS A 131 -18.71 15.55 -9.53
CA CYS A 131 -19.76 14.92 -8.73
C CYS A 131 -21.02 15.76 -8.81
N GLU A 132 -20.89 17.07 -8.65
CA GLU A 132 -22.06 17.95 -8.72
C GLU A 132 -22.69 17.95 -10.09
N LEU A 133 -21.88 17.90 -11.16
CA LEU A 133 -22.42 17.83 -12.50
C LEU A 133 -23.23 16.54 -12.71
N LEU A 134 -22.72 15.43 -12.17
CA LEU A 134 -23.43 14.17 -12.29
C LEU A 134 -24.74 14.21 -11.51
N LEU A 135 -24.73 14.80 -10.32
CA LEU A 135 -25.98 14.87 -9.54
C LEU A 135 -26.99 15.76 -10.24
N GLN A 136 -26.53 16.84 -10.87
CA GLN A 136 -27.39 17.72 -11.64
C GLN A 136 -28.02 16.96 -12.82
N GLU A 137 -27.21 16.13 -13.51
CA GLU A 137 -27.75 15.34 -14.58
C GLU A 137 -28.78 14.33 -14.07
N CYS A 138 -28.55 13.76 -12.89
CA CYS A 138 -29.55 12.87 -12.29
C CYS A 138 -30.87 13.61 -12.07
N ALA A 139 -30.80 14.85 -11.60
CA ALA A 139 -32.03 15.64 -11.39
C ALA A 139 -32.74 15.90 -12.70
N HIS A 140 -31.97 16.19 -13.74
CA HIS A 140 -32.59 16.43 -15.04
C HIS A 140 -33.25 15.17 -15.57
N GLN A 141 -32.59 14.02 -15.40
CA GLN A 141 -33.13 12.74 -15.84
C GLN A 141 -34.42 12.42 -15.07
N THR A 142 -34.41 12.73 -13.78
CA THR A 142 -35.61 12.52 -12.94
C THR A 142 -36.80 13.25 -13.52
N THR A 143 -36.62 14.52 -13.88
CA THR A 143 -37.70 15.32 -14.48
C THR A 143 -38.12 14.75 -15.84
N LYS A 144 -37.15 14.35 -16.66
CA LYS A 144 -37.44 13.87 -18.00
CA LYS A 144 -37.45 13.86 -18.00
CA LYS A 144 -37.44 13.87 -18.00
C LYS A 144 -38.19 12.54 -18.00
N LEU A 145 -37.81 11.64 -17.08
CA LEU A 145 -38.33 10.28 -17.07
C LEU A 145 -39.54 10.10 -16.16
N GLY A 146 -39.73 11.05 -15.27
CA GLY A 146 -40.86 11.03 -14.34
C GLY A 146 -40.75 10.00 -13.23
N ARG A 147 -39.52 9.60 -12.93
CA ARG A 147 -39.23 8.72 -11.81
C ARG A 147 -37.85 9.11 -11.29
N LYS A 148 -37.55 8.77 -10.04
CA LYS A 148 -36.32 9.23 -9.43
C LYS A 148 -35.09 8.51 -10.00
N VAL A 149 -34.15 9.31 -10.49
CA VAL A 149 -32.84 8.86 -10.91
C VAL A 149 -31.84 9.59 -10.02
N GLU A 150 -31.05 8.80 -9.29
CA GLU A 150 -30.18 9.29 -8.22
C GLU A 150 -28.77 8.70 -8.14
N THR A 151 -28.57 7.59 -8.84
CA THR A 151 -27.27 7.02 -9.18
C THR A 151 -26.62 7.04 -10.55
N ILE A 152 -25.33 6.67 -10.58
CA ILE A 152 -24.55 6.75 -11.79
C ILE A 152 -23.82 5.46 -12.08
N THR A 153 -23.60 5.20 -13.36
CA THR A 153 -22.81 4.08 -13.81
C THR A 153 -21.46 4.60 -14.27
N ILE A 154 -20.40 3.93 -13.83
CA ILE A 154 -19.05 4.34 -14.23
C ILE A 154 -18.40 3.24 -15.06
N ILE A 155 -17.78 3.68 -16.15
CA ILE A 155 -16.93 2.84 -16.98
CA ILE A 155 -16.93 2.83 -16.97
C ILE A 155 -15.49 3.27 -16.71
N TYR A 156 -14.71 2.37 -16.14
CA TYR A 156 -13.40 2.66 -15.62
C TYR A 156 -12.38 1.96 -16.52
N ASP A 157 -11.82 2.70 -17.46
CA ASP A 157 -10.91 2.15 -18.48
C ASP A 157 -9.49 2.12 -17.95
N CYS A 158 -8.99 0.92 -17.68
CA CYS A 158 -7.67 0.75 -17.09
C CYS A 158 -6.64 0.31 -18.10
N GLU A 159 -6.98 0.40 -19.39
CA GLU A 159 -5.98 0.13 -20.40
C GLU A 159 -4.81 1.10 -20.19
N GLY A 160 -3.60 0.60 -20.16
CA GLY A 160 -2.45 1.46 -19.98
C GLY A 160 -2.10 1.82 -18.54
N LEU A 161 -2.88 1.30 -17.58
CA LEU A 161 -2.52 1.42 -16.18
C LEU A 161 -1.11 0.87 -16.01
N GLY A 162 -0.26 1.64 -15.37
CA GLY A 162 1.14 1.29 -15.23
C GLY A 162 1.74 1.75 -13.92
N LEU A 163 3.01 1.42 -13.72
CA LEU A 163 3.67 1.74 -12.47
C LEU A 163 3.73 3.25 -12.27
N LYS A 164 3.75 4.02 -13.36
CA LYS A 164 3.80 5.46 -13.25
C LYS A 164 2.59 5.99 -12.51
N HIS A 165 1.45 5.29 -12.58
CA HIS A 165 0.26 5.77 -11.89
C HIS A 165 0.28 5.51 -10.40
N LEU A 166 1.18 4.62 -9.97
CA LEU A 166 1.29 4.26 -8.56
C LEU A 166 2.37 5.00 -7.79
N TRP A 167 2.93 6.03 -8.41
CA TRP A 167 3.74 7.02 -7.74
C TRP A 167 3.03 7.50 -6.48
N LYS A 168 3.71 7.42 -5.34
CA LYS A 168 3.05 7.59 -4.06
C LYS A 168 2.20 8.87 -3.93
N PRO A 169 2.72 10.04 -4.34
CA PRO A 169 1.92 11.27 -4.23
C PRO A 169 0.62 11.18 -5.03
N ALA A 170 0.65 10.45 -6.14
CA ALA A 170 -0.57 10.31 -6.95
C ALA A 170 -1.58 9.45 -6.21
N VAL A 171 -1.13 8.32 -5.65
CA VAL A 171 -2.03 7.44 -4.93
C VAL A 171 -2.62 8.17 -3.73
N GLU A 172 -1.79 8.94 -3.04
CA GLU A 172 -2.27 9.67 -1.89
C GLU A 172 -3.31 10.73 -2.28
N ALA A 173 -3.06 11.45 -3.35
CA ALA A 173 -4.00 12.47 -3.83
C ALA A 173 -5.32 11.80 -4.24
N TYR A 174 -5.22 10.66 -4.90
CA TYR A 174 -6.41 9.97 -5.38
C TYR A 174 -7.21 9.47 -4.18
N GLY A 175 -6.51 9.01 -3.16
CA GLY A 175 -7.19 8.57 -1.95
C GLY A 175 -7.95 9.72 -1.31
N GLU A 176 -7.41 10.93 -1.37
CA GLU A 176 -8.12 12.09 -0.82
C GLU A 176 -9.41 12.32 -1.60
N PHE A 177 -9.36 12.16 -2.92
CA PHE A 177 -10.57 12.28 -3.72
C PHE A 177 -11.57 11.19 -3.32
N LEU A 178 -11.09 9.96 -3.20
CA LEU A 178 -12.00 8.85 -2.88
C LEU A 178 -12.68 9.04 -1.53
N CYS A 179 -11.93 9.52 -0.54
CA CYS A 179 -12.52 9.78 0.77
C CYS A 179 -13.56 10.87 0.66
N MET A 180 -13.25 11.93 -0.09
CA MET A 180 -14.22 13.02 -0.32
C MET A 180 -15.49 12.45 -0.95
N PHE A 181 -15.34 11.60 -1.96
CA PHE A 181 -16.49 11.01 -2.63
C PHE A 181 -17.34 10.20 -1.64
N GLU A 182 -16.71 9.35 -0.84
CA GLU A 182 -17.43 8.50 0.08
C GLU A 182 -18.15 9.30 1.15
N GLU A 183 -17.54 10.39 1.58
CA GLU A 183 -18.11 11.17 2.69
C GLU A 183 -19.19 12.14 2.22
N ASN A 184 -19.15 12.57 0.96
CA ASN A 184 -20.05 13.63 0.49
C ASN A 184 -21.07 13.21 -0.57
N TYR A 185 -20.85 12.07 -1.22
CA TYR A 185 -21.73 11.57 -2.28
C TYR A 185 -22.11 10.13 -1.99
N PRO A 186 -22.64 9.87 -0.78
CA PRO A 186 -22.98 8.49 -0.47
C PRO A 186 -24.11 7.95 -1.31
N GLU A 187 -24.08 6.65 -1.54
CA GLU A 187 -25.17 5.97 -2.25
C GLU A 187 -25.49 6.59 -3.62
N THR A 188 -24.46 7.07 -4.28
CA THR A 188 -24.59 7.67 -5.62
CA THR A 188 -24.59 7.66 -5.62
C THR A 188 -24.10 6.71 -6.71
N LEU A 189 -23.16 5.83 -6.37
CA LEU A 189 -22.67 4.87 -7.37
C LEU A 189 -23.65 3.71 -7.50
N LYS A 190 -24.08 3.43 -8.73
CA LYS A 190 -24.86 2.25 -9.05
C LYS A 190 -23.97 1.06 -9.38
N ARG A 191 -23.02 1.27 -10.29
CA ARG A 191 -22.13 0.20 -10.71
CA ARG A 191 -22.12 0.20 -10.70
C ARG A 191 -20.89 0.81 -11.32
N LEU A 192 -19.75 0.16 -11.12
CA LEU A 192 -18.52 0.58 -11.76
C LEU A 192 -17.94 -0.63 -12.49
N PHE A 193 -17.73 -0.48 -13.80
CA PHE A 193 -17.22 -1.56 -14.63
C PHE A 193 -15.78 -1.25 -14.96
N VAL A 194 -14.88 -2.10 -14.49
CA VAL A 194 -13.47 -1.97 -14.82
C VAL A 194 -13.26 -2.74 -16.13
N VAL A 195 -12.80 -2.03 -17.15
CA VAL A 195 -12.52 -2.63 -18.44
C VAL A 195 -11.04 -2.56 -18.81
N LYS A 196 -10.59 -3.60 -19.53
CA LYS A 196 -9.22 -3.65 -20.05
C LYS A 196 -8.11 -3.57 -18.98
N ALA A 197 -8.41 -4.08 -17.80
CA ALA A 197 -7.45 -4.06 -16.69
C ALA A 197 -6.27 -4.95 -17.02
N PRO A 198 -5.06 -4.43 -16.85
CA PRO A 198 -3.86 -5.27 -17.07
C PRO A 198 -3.48 -6.02 -15.81
N LYS A 199 -2.36 -6.73 -15.86
CA LYS A 199 -1.98 -7.57 -14.73
C LYS A 199 -1.70 -6.80 -13.45
N LEU A 200 -1.32 -5.53 -13.59
CA LEU A 200 -1.03 -4.68 -12.44
C LEU A 200 -2.28 -4.35 -11.63
N PHE A 201 -3.46 -4.56 -12.21
CA PHE A 201 -4.68 -4.08 -11.57
C PHE A 201 -4.90 -4.52 -10.12
N PRO A 202 -4.70 -5.81 -9.79
CA PRO A 202 -4.96 -6.19 -8.40
C PRO A 202 -4.12 -5.44 -7.36
N VAL A 203 -2.85 -5.19 -7.68
CA VAL A 203 -2.00 -4.41 -6.80
C VAL A 203 -2.48 -2.96 -6.66
N ALA A 204 -2.84 -2.34 -7.78
CA ALA A 204 -3.35 -0.99 -7.77
C ALA A 204 -4.63 -0.92 -6.95
N TYR A 205 -5.53 -1.88 -7.18
CA TYR A 205 -6.79 -1.90 -6.46
C TYR A 205 -6.56 -2.01 -4.96
N ASN A 206 -5.62 -2.87 -4.55
CA ASN A 206 -5.32 -2.97 -3.14
C ASN A 206 -4.80 -1.69 -2.51
N LEU A 207 -4.12 -0.86 -3.30
CA LEU A 207 -3.62 0.41 -2.80
C LEU A 207 -4.72 1.40 -2.55
N ILE A 208 -5.85 1.25 -3.23
CA ILE A 208 -6.92 2.24 -3.00
C ILE A 208 -8.11 1.68 -2.21
N LYS A 209 -8.18 0.37 -1.98
CA LYS A 209 -9.25 -0.21 -1.19
C LYS A 209 -9.43 0.44 0.19
N PRO A 210 -8.33 0.87 0.84
CA PRO A 210 -8.49 1.49 2.15
C PRO A 210 -9.36 2.74 2.14
N PHE A 211 -9.51 3.36 0.97
CA PHE A 211 -10.23 4.62 0.87
C PHE A 211 -11.69 4.41 0.46
N LEU A 212 -12.06 3.16 0.14
CA LEU A 212 -13.40 2.83 -0.35
C LEU A 212 -14.31 2.27 0.72
N SER A 213 -15.60 2.56 0.62
CA SER A 213 -16.58 1.94 1.50
C SER A 213 -16.89 0.51 1.04
N GLU A 214 -17.41 -0.31 1.96
CA GLU A 214 -17.87 -1.65 1.56
C GLU A 214 -18.98 -1.56 0.51
N ASP A 215 -19.84 -0.55 0.60
CA ASP A 215 -20.87 -0.35 -0.42
C ASP A 215 -20.27 -0.15 -1.82
N THR A 216 -19.24 0.70 -1.91
CA THR A 216 -18.60 0.94 -3.20
C THR A 216 -17.93 -0.31 -3.69
N ARG A 217 -17.23 -1.02 -2.80
CA ARG A 217 -16.53 -2.24 -3.20
C ARG A 217 -17.49 -3.27 -3.81
N LYS A 218 -18.69 -3.38 -3.26
CA LYS A 218 -19.68 -4.32 -3.77
C LYS A 218 -20.15 -3.98 -5.17
N LYS A 219 -19.99 -2.72 -5.56
CA LYS A 219 -20.48 -2.26 -6.86
CA LYS A 219 -20.48 -2.25 -6.85
C LYS A 219 -19.42 -2.26 -7.96
N ILE A 220 -18.20 -2.65 -7.59
CA ILE A 220 -17.12 -2.72 -8.55
C ILE A 220 -17.09 -4.09 -9.21
N MET A 221 -17.24 -4.08 -10.53
CA MET A 221 -17.23 -5.31 -11.33
CA MET A 221 -17.23 -5.31 -11.33
C MET A 221 -16.06 -5.27 -12.31
N VAL A 222 -15.13 -6.22 -12.15
CA VAL A 222 -13.99 -6.29 -13.02
C VAL A 222 -14.33 -7.20 -14.21
N LEU A 223 -14.38 -6.63 -15.42
CA LEU A 223 -14.83 -7.35 -16.60
C LEU A 223 -13.65 -8.02 -17.29
N GLY A 224 -13.96 -9.03 -18.10
CA GLY A 224 -12.95 -9.76 -18.82
C GLY A 224 -12.96 -9.44 -20.28
N ALA A 225 -12.60 -10.43 -21.11
CA ALA A 225 -12.41 -10.20 -22.53
C ALA A 225 -13.67 -9.74 -23.25
N ASN A 226 -14.83 -10.14 -22.73
CA ASN A 226 -16.10 -9.83 -23.35
C ASN A 226 -16.73 -8.57 -22.78
N TRP A 227 -15.89 -7.65 -22.34
CA TRP A 227 -16.41 -6.43 -21.69
C TRP A 227 -17.40 -5.62 -22.52
N LYS A 228 -17.20 -5.52 -23.84
CA LYS A 228 -18.13 -4.75 -24.66
C LYS A 228 -19.52 -5.37 -24.59
N GLU A 229 -19.59 -6.69 -24.73
CA GLU A 229 -20.87 -7.39 -24.63
C GLU A 229 -21.57 -7.08 -23.31
N VAL A 230 -20.83 -7.11 -22.22
CA VAL A 230 -21.39 -6.85 -20.91
C VAL A 230 -21.88 -5.41 -20.83
N LEU A 231 -21.09 -4.46 -21.32
CA LEU A 231 -21.54 -3.06 -21.29
C LEU A 231 -22.88 -2.90 -21.98
N LEU A 232 -23.05 -3.58 -23.12
CA LEU A 232 -24.29 -3.43 -23.88
C LEU A 232 -25.49 -4.16 -23.26
N LYS A 233 -25.25 -4.98 -22.25
CA LYS A 233 -26.35 -5.51 -21.44
C LYS A 233 -26.88 -4.46 -20.48
N HIS A 234 -26.10 -3.40 -20.26
CA HIS A 234 -26.42 -2.37 -19.27
C HIS A 234 -26.70 -1.00 -19.88
N ILE A 235 -26.23 -0.76 -21.10
CA ILE A 235 -26.34 0.53 -21.77
C ILE A 235 -26.64 0.28 -23.25
N SER A 236 -27.57 1.03 -23.81
CA SER A 236 -27.94 0.88 -25.21
C SER A 236 -26.76 1.26 -26.09
N PRO A 237 -26.56 0.56 -27.23
CA PRO A 237 -25.42 0.91 -28.08
C PRO A 237 -25.34 2.37 -28.54
N ASP A 238 -26.47 3.02 -28.81
CA ASP A 238 -26.48 4.40 -29.24
C ASP A 238 -26.04 5.39 -28.13
N GLN A 239 -25.90 4.88 -26.90
CA GLN A 239 -25.49 5.67 -25.76
C GLN A 239 -24.04 5.38 -25.38
N VAL A 240 -23.36 4.52 -26.14
CA VAL A 240 -21.97 4.16 -25.82
C VAL A 240 -21.08 4.57 -26.99
N PRO A 241 -19.95 5.24 -26.75
CA PRO A 241 -19.03 5.52 -27.86
C PRO A 241 -18.66 4.26 -28.64
N VAL A 242 -18.43 4.45 -29.94
CA VAL A 242 -17.85 3.39 -30.75
C VAL A 242 -16.59 2.81 -30.09
N GLU A 243 -15.77 3.69 -29.49
CA GLU A 243 -14.55 3.26 -28.81
C GLU A 243 -14.81 2.20 -27.73
N TYR A 244 -16.01 2.23 -27.12
CA TYR A 244 -16.37 1.35 -26.00
C TYR A 244 -17.42 0.29 -26.39
N GLY A 245 -17.63 0.11 -27.69
CA GLY A 245 -18.48 -0.96 -28.18
C GLY A 245 -19.83 -0.57 -28.72
N GLY A 246 -20.14 0.73 -28.68
CA GLY A 246 -21.42 1.24 -29.13
C GLY A 246 -21.37 1.83 -30.52
N THR A 247 -22.30 2.74 -30.81
CA THR A 247 -22.40 3.42 -32.09
C THR A 247 -22.34 4.95 -31.97
N MET A 248 -22.15 5.47 -30.75
CA MET A 248 -22.11 6.92 -30.54
C MET A 248 -20.83 7.51 -31.07
N THR A 249 -20.94 8.68 -31.70
CA THR A 249 -19.81 9.44 -32.18
C THR A 249 -19.95 10.94 -31.82
N ASP A 250 -18.86 11.69 -31.93
CA ASP A 250 -18.93 13.14 -31.93
C ASP A 250 -19.70 13.56 -33.18
N PRO A 251 -20.23 14.79 -33.20
CA PRO A 251 -20.87 15.29 -34.42
C PRO A 251 -19.98 15.17 -35.67
N ASP A 252 -18.67 15.28 -35.51
CA ASP A 252 -17.73 15.17 -36.63
C ASP A 252 -17.38 13.75 -37.04
N GLY A 253 -18.00 12.76 -36.39
CA GLY A 253 -17.77 11.36 -36.70
C GLY A 253 -16.79 10.64 -35.78
N ASN A 254 -16.12 11.38 -34.88
CA ASN A 254 -15.04 10.78 -34.10
C ASN A 254 -15.58 9.68 -33.18
N PRO A 255 -15.02 8.46 -33.28
CA PRO A 255 -15.59 7.36 -32.50
C PRO A 255 -15.29 7.38 -31.00
N LYS A 256 -14.42 8.30 -30.61
CA LYS A 256 -14.04 8.41 -29.19
C LYS A 256 -14.96 9.35 -28.43
N CYS A 257 -15.84 10.08 -29.11
CA CYS A 257 -16.74 11.02 -28.42
C CYS A 257 -15.93 11.99 -27.55
N LYS A 258 -14.87 12.55 -28.14
CA LYS A 258 -13.98 13.46 -27.43
C LYS A 258 -14.60 14.76 -27.04
N SER A 259 -15.74 15.11 -27.64
CA SER A 259 -16.47 16.29 -27.22
C SER A 259 -17.04 16.13 -25.82
N LYS A 260 -17.17 14.88 -25.38
CA LYS A 260 -17.74 14.58 -24.07
C LYS A 260 -16.70 13.97 -23.12
N ILE A 261 -15.76 13.23 -23.68
CA ILE A 261 -14.79 12.49 -22.87
C ILE A 261 -13.38 13.00 -23.15
N ASN A 262 -12.68 13.41 -22.09
CA ASN A 262 -11.30 13.83 -22.20
C ASN A 262 -10.36 12.61 -22.10
N TYR A 263 -9.40 12.52 -23.00
CA TYR A 263 -8.53 11.34 -23.06
C TYR A 263 -7.12 11.62 -22.55
N GLY A 264 -6.98 12.70 -21.77
CA GLY A 264 -5.71 12.95 -21.09
C GLY A 264 -4.56 13.24 -22.03
N GLY A 265 -3.39 12.66 -21.72
CA GLY A 265 -2.19 12.88 -22.50
C GLY A 265 -1.07 13.46 -21.64
N ASP A 266 0.16 13.41 -22.14
CA ASP A 266 1.27 13.94 -21.39
C ASP A 266 1.22 15.47 -21.40
N ILE A 267 1.51 16.03 -20.24
CA ILE A 267 1.33 17.46 -20.04
C ILE A 267 2.59 18.19 -20.48
N PRO A 268 2.43 19.17 -21.39
CA PRO A 268 3.57 20.00 -21.81
C PRO A 268 4.23 20.74 -20.65
N ARG A 269 5.55 20.90 -20.74
CA ARG A 269 6.32 21.47 -19.66
CA ARG A 269 6.32 21.47 -19.66
C ARG A 269 5.93 22.92 -19.34
N LYS A 270 5.34 23.62 -20.30
CA LYS A 270 4.90 25.03 -20.09
C LYS A 270 3.91 25.14 -18.93
N TYR A 271 3.23 24.05 -18.58
CA TYR A 271 2.29 24.06 -17.47
C TYR A 271 2.89 23.81 -16.10
N TYR A 272 4.12 23.32 -16.01
CA TYR A 272 4.67 22.95 -14.72
C TYR A 272 4.85 24.17 -13.82
N VAL A 273 4.44 24.04 -12.58
CA VAL A 273 4.53 25.13 -11.60
C VAL A 273 5.47 24.79 -10.46
N ARG A 274 5.93 23.55 -10.42
CA ARG A 274 6.90 23.12 -9.40
C ARG A 274 7.79 22.01 -9.93
N ASP A 275 8.88 21.74 -9.22
CA ASP A 275 9.85 20.72 -9.62
C ASP A 275 9.87 19.53 -8.67
N GLN A 276 9.08 19.59 -7.60
CA GLN A 276 8.88 18.43 -6.75
C GLN A 276 7.58 18.53 -5.96
N VAL A 277 7.09 17.38 -5.53
CA VAL A 277 5.85 17.30 -4.75
C VAL A 277 6.06 16.46 -3.50
N MET B 4 28.17 12.62 17.58
CA MET B 4 28.94 11.41 17.89
C MET B 4 28.09 10.14 17.71
N SER B 5 28.71 8.98 17.93
CA SER B 5 28.16 7.73 17.42
C SER B 5 27.24 6.95 18.37
N GLY B 6 27.24 7.31 19.65
CA GLY B 6 26.43 6.60 20.63
C GLY B 6 26.88 5.17 20.91
N ARG B 7 28.16 4.90 20.60
CA ARG B 7 28.77 3.59 20.78
C ARG B 7 29.79 3.61 21.89
N VAL B 8 30.04 2.44 22.47
CA VAL B 8 31.08 2.28 23.47
C VAL B 8 32.36 2.92 22.96
N GLY B 9 32.97 3.73 23.80
CA GLY B 9 34.25 4.34 23.46
C GLY B 9 34.10 5.74 22.91
N ASP B 10 32.87 6.11 22.57
CA ASP B 10 32.62 7.37 21.86
C ASP B 10 31.37 8.10 22.36
N LEU B 11 31.02 7.94 23.62
CA LEU B 11 29.82 8.56 24.17
C LEU B 11 30.04 10.00 24.64
N SER B 12 29.02 10.83 24.44
CA SER B 12 29.02 12.18 25.00
C SER B 12 28.68 12.08 26.48
N PRO B 13 28.96 13.14 27.26
CA PRO B 13 28.59 13.11 28.67
C PRO B 13 27.11 12.79 28.91
N ARG B 14 26.23 13.35 28.10
CA ARG B 14 24.79 13.09 28.23
C ARG B 14 24.45 11.62 27.97
N GLN B 15 25.10 11.04 26.98
CA GLN B 15 24.87 9.65 26.64
C GLN B 15 25.41 8.71 27.71
N LYS B 16 26.59 9.01 28.23
CA LYS B 16 27.17 8.24 29.33
C LYS B 16 26.28 8.25 30.56
N GLU B 17 25.75 9.42 30.90
CA GLU B 17 24.83 9.54 32.03
C GLU B 17 23.56 8.74 31.80
N ALA B 18 23.02 8.80 30.58
CA ALA B 18 21.81 8.07 30.27
C ALA B 18 22.04 6.56 30.34
N LEU B 19 23.18 6.11 29.82
CA LEU B 19 23.53 4.70 29.91
C LEU B 19 23.60 4.21 31.36
N ALA B 20 24.23 4.99 32.23
CA ALA B 20 24.36 4.61 33.63
C ALA B 20 23.01 4.52 34.31
N LYS B 21 22.14 5.51 34.07
CA LYS B 21 20.77 5.46 34.57
C LYS B 21 19.99 4.26 34.01
N PHE B 22 20.15 4.01 32.71
CA PHE B 22 19.43 2.93 32.07
C PHE B 22 19.77 1.59 32.70
N ARG B 23 21.07 1.30 32.88
CA ARG B 23 21.45 0.04 33.48
C ARG B 23 20.83 -0.09 34.87
N GLU B 24 20.89 0.99 35.63
CA GLU B 24 20.28 0.99 36.96
C GLU B 24 18.78 0.69 36.91
N ASN B 25 18.09 1.31 35.94
CA ASN B 25 16.64 1.20 35.80
C ASN B 25 16.16 -0.20 35.38
N VAL B 26 16.95 -0.89 34.56
CA VAL B 26 16.52 -2.17 34.01
C VAL B 26 17.29 -3.35 34.59
N GLN B 27 18.03 -3.14 35.69
CA GLN B 27 18.87 -4.22 36.20
C GLN B 27 18.10 -5.49 36.59
N ASP B 28 16.82 -5.36 36.89
CA ASP B 28 16.01 -6.49 37.26
C ASP B 28 15.83 -7.52 36.14
N VAL B 29 15.85 -7.09 34.88
CA VAL B 29 15.73 -8.03 33.76
C VAL B 29 17.06 -8.44 33.13
N LEU B 30 18.15 -7.81 33.53
CA LEU B 30 19.42 -8.16 32.90
C LEU B 30 19.91 -9.60 33.12
N PRO B 31 19.68 -10.19 34.32
CA PRO B 31 20.19 -11.56 34.51
C PRO B 31 19.66 -12.58 33.51
N ALA B 32 18.46 -12.36 33.01
CA ALA B 32 17.86 -13.29 32.04
C ALA B 32 18.11 -12.91 30.59
N LEU B 33 18.91 -11.88 30.35
CA LEU B 33 19.30 -11.50 29.00
C LEU B 33 20.71 -11.99 28.66
N PRO B 34 20.94 -12.31 27.39
CA PRO B 34 22.28 -12.67 26.91
C PRO B 34 23.23 -11.48 26.83
N ASN B 35 24.28 -11.62 27.60
CA ASN B 35 25.41 -10.68 27.62
C ASN B 35 24.95 -9.23 27.61
N PRO B 36 24.38 -8.77 28.73
CA PRO B 36 23.87 -7.40 28.87
C PRO B 36 24.97 -6.36 29.14
N ASP B 37 25.94 -6.34 28.24
CA ASP B 37 27.05 -5.39 28.31
C ASP B 37 26.62 -4.02 27.82
N ASP B 38 27.53 -3.05 27.86
CA ASP B 38 27.16 -1.70 27.45
C ASP B 38 26.71 -1.69 25.97
N TYR B 39 27.36 -2.51 25.15
CA TYR B 39 27.05 -2.56 23.72
C TYR B 39 25.56 -2.94 23.53
N PHE B 40 25.15 -3.96 24.27
CA PHE B 40 23.74 -4.42 24.27
C PHE B 40 22.79 -3.30 24.68
N LEU B 41 23.05 -2.68 25.84
CA LEU B 41 22.16 -1.62 26.31
C LEU B 41 22.09 -0.45 25.34
N LEU B 42 23.20 -0.11 24.73
CA LEU B 42 23.25 1.04 23.84
C LEU B 42 22.44 0.82 22.55
N ARG B 43 22.19 -0.44 22.19
CA ARG B 43 21.34 -0.69 21.00
C ARG B 43 19.94 -0.14 21.26
N TRP B 44 19.40 -0.41 22.46
CA TRP B 44 18.05 0.02 22.81
C TRP B 44 18.04 1.55 22.97
N LEU B 45 19.06 2.10 23.62
CA LEU B 45 19.16 3.55 23.79
C LEU B 45 19.27 4.26 22.42
N ARG B 46 20.12 3.79 21.52
CA ARG B 46 20.26 4.46 20.24
C ARG B 46 18.93 4.41 19.49
N ALA B 47 18.22 3.29 19.61
CA ALA B 47 16.97 3.07 18.87
C ALA B 47 15.86 4.01 19.33
N ARG B 48 15.99 4.55 20.53
CA ARG B 48 15.03 5.54 21.03
C ARG B 48 15.69 6.88 21.40
N SER B 49 16.80 7.20 20.75
CA SER B 49 17.48 8.49 20.91
C SER B 49 17.75 8.83 22.38
N PHE B 50 18.14 7.81 23.14
CA PHE B 50 18.54 7.93 24.54
C PHE B 50 17.41 8.43 25.46
N ASP B 51 16.17 8.32 25.01
CA ASP B 51 15.02 8.55 25.88
C ASP B 51 14.87 7.39 26.84
N LEU B 52 15.06 7.65 28.13
CA LEU B 52 15.07 6.57 29.10
C LEU B 52 13.76 5.80 29.23
N GLN B 53 12.63 6.50 29.17
CA GLN B 53 11.34 5.85 29.29
CA GLN B 53 11.35 5.85 29.29
C GLN B 53 11.05 4.94 28.10
N LYS B 54 11.23 5.46 26.90
CA LYS B 54 10.97 4.72 25.68
C LYS B 54 11.95 3.58 25.50
N SER B 55 13.23 3.81 25.81
CA SER B 55 14.21 2.73 25.73
C SER B 55 13.86 1.59 26.69
N GLU B 56 13.47 1.91 27.91
CA GLU B 56 13.10 0.88 28.87
C GLU B 56 11.84 0.09 28.44
N ALA B 57 10.86 0.81 27.90
CA ALA B 57 9.64 0.16 27.45
C ALA B 57 9.98 -0.80 26.32
N MET B 58 10.88 -0.36 25.44
CA MET B 58 11.27 -1.16 24.29
C MET B 58 11.99 -2.44 24.75
N LEU B 59 12.94 -2.30 25.69
CA LEU B 59 13.64 -3.46 26.20
C LEU B 59 12.74 -4.40 26.99
N ARG B 60 11.84 -3.85 27.82
CA ARG B 60 10.95 -4.72 28.61
C ARG B 60 9.98 -5.49 27.71
N LYS B 61 9.53 -4.87 26.61
CA LYS B 61 8.71 -5.61 25.64
C LYS B 61 9.51 -6.75 25.01
N HIS B 62 10.79 -6.52 24.72
CA HIS B 62 11.64 -7.56 24.20
C HIS B 62 11.82 -8.72 25.18
N VAL B 63 11.95 -8.40 26.46
CA VAL B 63 12.03 -9.44 27.47
C VAL B 63 10.80 -10.36 27.43
N GLU B 64 9.62 -9.77 27.27
CA GLU B 64 8.39 -10.55 27.19
C GLU B 64 8.35 -11.38 25.92
N PHE B 65 8.79 -10.79 24.80
CA PHE B 65 8.95 -11.51 23.55
C PHE B 65 9.84 -12.74 23.71
N ARG B 66 10.98 -12.60 24.39
CA ARG B 66 11.91 -13.69 24.50
C ARG B 66 11.26 -14.86 25.25
N LYS B 67 10.47 -14.50 26.25
CA LYS B 67 9.77 -15.48 27.08
C LYS B 67 8.70 -16.17 26.24
N GLN B 68 7.87 -15.38 25.59
CA GLN B 68 6.75 -15.92 24.81
C GLN B 68 7.21 -16.80 23.67
N LYS B 69 8.31 -16.44 23.01
CA LYS B 69 8.80 -17.19 21.87
C LYS B 69 9.92 -18.16 22.20
N ASP B 70 10.27 -18.30 23.48
CA ASP B 70 11.30 -19.26 23.87
C ASP B 70 12.60 -19.03 23.10
N ILE B 71 13.00 -17.78 23.02
CA ILE B 71 14.18 -17.39 22.23
C ILE B 71 15.46 -18.06 22.75
N ASP B 72 15.53 -18.30 24.05
CA ASP B 72 16.72 -18.95 24.61
C ASP B 72 17.02 -20.30 23.95
N ASN B 73 15.99 -20.98 23.46
CA ASN B 73 16.18 -22.29 22.85
C ASN B 73 15.84 -22.37 21.36
N ILE B 74 15.68 -21.22 20.71
CA ILE B 74 15.21 -21.23 19.33
C ILE B 74 16.26 -21.74 18.36
N ILE B 75 17.55 -21.62 18.67
CA ILE B 75 18.54 -22.09 17.73
C ILE B 75 18.45 -23.60 17.50
N SER B 76 18.04 -24.35 18.53
CA SER B 76 17.87 -25.79 18.38
C SER B 76 16.55 -26.21 17.72
N TRP B 77 15.67 -25.25 17.41
CA TRP B 77 14.40 -25.54 16.74
C TRP B 77 14.57 -25.58 15.23
N GLN B 78 14.44 -26.76 14.64
CA GLN B 78 14.51 -26.88 13.19
C GLN B 78 13.10 -26.68 12.62
N PRO B 79 12.95 -25.75 11.67
CA PRO B 79 11.64 -25.56 11.08
C PRO B 79 11.04 -26.80 10.39
N PRO B 80 9.72 -26.83 10.14
CA PRO B 80 9.10 -27.88 9.33
C PRO B 80 9.70 -27.97 7.93
N GLU B 81 9.48 -29.13 7.31
CA GLU B 81 10.13 -29.53 6.08
C GLU B 81 9.96 -28.49 4.97
N VAL B 82 8.74 -28.01 4.77
CA VAL B 82 8.51 -27.09 3.65
C VAL B 82 9.32 -25.81 3.82
N ILE B 83 9.44 -25.33 5.06
CA ILE B 83 10.22 -24.11 5.32
C ILE B 83 11.71 -24.39 5.17
N GLN B 84 12.20 -25.47 5.78
CA GLN B 84 13.61 -25.81 5.65
C GLN B 84 14.02 -25.94 4.18
N GLN B 85 13.16 -26.55 3.37
CA GLN B 85 13.48 -26.83 1.97
C GLN B 85 13.29 -25.64 1.05
N TYR B 86 12.32 -24.76 1.33
CA TYR B 86 11.92 -23.76 0.33
C TYR B 86 11.93 -22.30 0.76
N LEU B 87 12.18 -22.01 2.03
CA LEU B 87 12.32 -20.62 2.44
C LEU B 87 13.72 -20.18 2.08
N SER B 88 13.82 -19.25 1.12
CA SER B 88 15.12 -18.86 0.59
C SER B 88 15.93 -18.00 1.53
N GLY B 89 17.21 -17.88 1.20
CA GLY B 89 18.15 -17.05 1.93
C GLY B 89 19.19 -17.83 2.68
N GLY B 90 20.18 -17.12 3.20
CA GLY B 90 21.16 -17.75 4.05
C GLY B 90 22.34 -16.88 4.41
N MET B 91 23.05 -17.31 5.45
CA MET B 91 24.24 -16.61 5.90
C MET B 91 25.43 -17.14 5.12
N CYS B 92 26.20 -16.25 4.54
CA CYS B 92 27.30 -16.65 3.72
C CYS B 92 28.36 -15.56 3.69
N GLY B 93 29.53 -15.84 4.31
CA GLY B 93 30.63 -14.90 4.27
C GLY B 93 30.54 -13.80 5.30
N TYR B 94 31.62 -13.02 5.38
CA TYR B 94 31.76 -11.87 6.24
C TYR B 94 32.25 -10.69 5.43
N ASP B 95 31.81 -9.50 5.79
CA ASP B 95 32.23 -8.30 5.08
C ASP B 95 33.63 -7.87 5.53
N LEU B 96 34.12 -6.78 4.94
CA LEU B 96 35.52 -6.38 5.16
C LEU B 96 35.81 -6.05 6.62
N ASP B 97 34.78 -5.68 7.37
CA ASP B 97 34.91 -5.34 8.78
C ASP B 97 34.64 -6.55 9.69
N GLY B 98 34.33 -7.70 9.10
CA GLY B 98 34.09 -8.93 9.83
C GLY B 98 32.64 -9.20 10.16
N CYS B 99 31.72 -8.38 9.63
CA CYS B 99 30.30 -8.58 9.92
C CYS B 99 29.72 -9.70 9.09
N PRO B 100 28.87 -10.55 9.69
CA PRO B 100 28.20 -11.58 8.93
C PRO B 100 27.36 -10.99 7.80
N VAL B 101 27.31 -11.72 6.70
CA VAL B 101 26.49 -11.35 5.54
C VAL B 101 25.35 -12.33 5.38
N TRP B 102 24.15 -11.78 5.21
CA TRP B 102 22.94 -12.55 4.98
C TRP B 102 22.44 -12.23 3.58
N TYR B 103 22.12 -13.27 2.81
CA TYR B 103 21.54 -13.16 1.46
C TYR B 103 20.05 -13.46 1.54
N ASP B 104 19.24 -12.54 1.00
CA ASP B 104 17.81 -12.77 0.81
C ASP B 104 17.60 -12.93 -0.70
N ILE B 105 16.85 -13.96 -1.10
CA ILE B 105 16.64 -14.26 -2.51
C ILE B 105 15.14 -14.24 -2.79
N ILE B 106 14.64 -13.12 -3.32
CA ILE B 106 13.19 -12.88 -3.35
C ILE B 106 12.52 -13.53 -4.54
N GLY B 107 13.11 -13.45 -5.72
CA GLY B 107 12.45 -13.90 -6.94
C GLY B 107 11.87 -15.31 -6.87
N PRO B 108 12.69 -16.30 -6.46
CA PRO B 108 12.19 -17.68 -6.50
C PRO B 108 11.39 -18.06 -5.27
N LEU B 109 11.20 -17.14 -4.35
CA LEU B 109 10.38 -17.38 -3.17
C LEU B 109 8.93 -17.55 -3.57
N ASP B 110 8.33 -18.68 -3.19
CA ASP B 110 6.96 -18.99 -3.50
C ASP B 110 6.11 -18.60 -2.30
N ALA B 111 5.84 -17.30 -2.19
CA ALA B 111 5.22 -16.77 -0.98
C ALA B 111 3.83 -17.39 -0.80
N LYS B 112 3.07 -17.51 -1.87
CA LYS B 112 1.77 -18.14 -1.77
C LYS B 112 1.86 -19.60 -1.32
N GLY B 113 2.74 -20.37 -1.93
CA GLY B 113 2.96 -21.75 -1.55
C GLY B 113 3.38 -21.88 -0.09
N LEU B 114 4.23 -20.98 0.37
CA LEU B 114 4.63 -21.01 1.77
C LEU B 114 3.45 -20.76 2.73
N LEU B 115 2.67 -19.72 2.45
CA LEU B 115 1.53 -19.42 3.30
C LEU B 115 0.44 -20.49 3.19
N PHE B 116 0.41 -21.27 2.12
CA PHE B 116 -0.56 -22.37 2.01
CA PHE B 116 -0.55 -22.36 2.01
C PHE B 116 -0.03 -23.65 2.65
N SER B 117 1.24 -23.67 3.04
CA SER B 117 1.91 -24.89 3.52
C SER B 117 2.45 -24.79 4.95
N ALA B 118 2.41 -23.62 5.55
CA ALA B 118 2.99 -23.43 6.87
C ALA B 118 2.15 -22.44 7.60
N SER B 119 2.17 -22.51 8.94
CA SER B 119 1.50 -21.51 9.71
C SER B 119 2.31 -20.24 9.69
N LYS B 120 1.60 -19.12 9.80
CA LYS B 120 2.24 -17.84 9.93
C LYS B 120 3.16 -17.88 11.16
N GLN B 121 2.71 -18.53 12.24
CA GLN B 121 3.56 -18.55 13.44
C GLN B 121 4.90 -19.26 13.18
N ASP B 122 4.90 -20.32 12.39
CA ASP B 122 6.14 -21.05 12.17
C ASP B 122 7.06 -20.28 11.20
N LEU B 123 6.45 -19.58 10.24
CA LEU B 123 7.22 -18.75 9.32
C LEU B 123 7.90 -17.64 10.10
N LEU B 124 7.15 -16.98 10.97
CA LEU B 124 7.74 -15.90 11.81
C LEU B 124 8.81 -16.46 12.76
N ARG B 125 8.58 -17.64 13.35
CA ARG B 125 9.54 -18.25 14.25
C ARG B 125 10.84 -18.55 13.51
N THR B 126 10.72 -18.97 12.25
CA THR B 126 11.91 -19.25 11.45
C THR B 126 12.72 -17.98 11.23
N LYS B 127 12.06 -16.87 10.97
CA LYS B 127 12.78 -15.58 10.79
C LYS B 127 13.43 -15.14 12.11
N MET B 128 12.74 -15.35 13.23
CA MET B 128 13.34 -15.06 14.55
C MET B 128 14.63 -15.86 14.73
N ARG B 129 14.58 -17.13 14.36
CA ARG B 129 15.70 -18.02 14.50
C ARG B 129 16.85 -17.51 13.66
N GLU B 130 16.56 -17.02 12.45
CA GLU B 130 17.61 -16.48 11.58
CA GLU B 130 17.62 -16.50 11.60
C GLU B 130 18.31 -15.29 12.26
N CYS B 131 17.52 -14.43 12.90
CA CYS B 131 18.04 -13.29 13.63
C CYS B 131 18.96 -13.77 14.74
N GLU B 132 18.54 -14.78 15.48
CA GLU B 132 19.40 -15.30 16.55
C GLU B 132 20.67 -15.93 16.03
N LEU B 133 20.58 -16.64 14.91
CA LEU B 133 21.77 -17.26 14.32
C LEU B 133 22.77 -16.17 13.89
N LEU B 134 22.25 -15.07 13.34
CA LEU B 134 23.12 -13.96 12.94
C LEU B 134 23.80 -13.31 14.16
N LEU B 135 23.05 -13.13 15.25
CA LEU B 135 23.62 -12.53 16.45
C LEU B 135 24.67 -13.44 17.07
N GLN B 136 24.42 -14.75 17.01
CA GLN B 136 25.38 -15.73 17.48
C GLN B 136 26.66 -15.63 16.66
N GLU B 137 26.53 -15.49 15.34
CA GLU B 137 27.70 -15.37 14.51
C GLU B 137 28.46 -14.09 14.83
N CYS B 138 27.75 -13.00 15.14
CA CYS B 138 28.39 -11.76 15.56
C CYS B 138 29.24 -11.98 16.82
N ALA B 139 28.68 -12.74 17.76
CA ALA B 139 29.41 -13.01 19.00
C ALA B 139 30.67 -13.84 18.71
N HIS B 140 30.55 -14.81 17.82
CA HIS B 140 31.72 -15.61 17.43
C HIS B 140 32.79 -14.75 16.74
N GLN B 141 32.37 -13.84 15.87
CA GLN B 141 33.29 -12.94 15.19
C GLN B 141 33.99 -12.02 16.19
N THR B 142 33.24 -11.60 17.19
CA THR B 142 33.77 -10.71 18.22
C THR B 142 34.95 -11.38 18.90
N THR B 143 34.77 -12.64 19.26
CA THR B 143 35.82 -13.42 19.93
C THR B 143 37.01 -13.62 18.97
N LYS B 144 36.71 -13.96 17.72
CA LYS B 144 37.75 -14.25 16.74
CA LYS B 144 37.76 -14.25 16.74
CA LYS B 144 37.76 -14.25 16.75
C LYS B 144 38.60 -13.02 16.43
N LEU B 145 37.96 -11.87 16.29
CA LEU B 145 38.64 -10.66 15.83
C LEU B 145 39.18 -9.78 16.95
N GLY B 146 38.69 -10.01 18.17
CA GLY B 146 39.13 -9.26 19.34
C GLY B 146 38.61 -7.84 19.43
N ARG B 147 37.52 -7.57 18.71
CA ARG B 147 36.82 -6.30 18.78
C ARG B 147 35.33 -6.59 18.57
N LYS B 148 34.48 -5.69 19.02
CA LYS B 148 33.04 -5.93 18.98
C LYS B 148 32.47 -5.91 17.58
N VAL B 149 31.83 -7.01 17.22
CA VAL B 149 31.06 -7.12 15.99
C VAL B 149 29.63 -7.40 16.40
N GLU B 150 28.67 -6.56 16.00
CA GLU B 150 27.29 -6.70 16.44
C GLU B 150 26.30 -6.25 15.36
N THR B 151 26.79 -6.13 14.13
CA THR B 151 25.90 -5.72 13.01
C THR B 151 26.10 -6.64 11.82
N ILE B 152 25.16 -6.58 10.88
CA ILE B 152 25.13 -7.48 9.75
C ILE B 152 24.95 -6.72 8.45
N THR B 153 25.53 -7.25 7.39
CA THR B 153 25.30 -6.75 6.04
C THR B 153 24.34 -7.68 5.33
N ILE B 154 23.37 -7.11 4.61
CA ILE B 154 22.39 -7.91 3.88
C ILE B 154 22.51 -7.62 2.39
N ILE B 155 22.52 -8.70 1.62
CA ILE B 155 22.43 -8.63 0.16
CA ILE B 155 22.44 -8.62 0.15
C ILE B 155 21.04 -9.10 -0.21
N TYR B 156 20.25 -8.18 -0.74
CA TYR B 156 18.83 -8.40 -1.00
C TYR B 156 18.62 -8.51 -2.51
N ASP B 157 18.56 -9.73 -2.99
CA ASP B 157 18.46 -10.04 -4.44
C ASP B 157 17.01 -10.00 -4.87
N CYS B 158 16.70 -8.95 -5.64
CA CYS B 158 15.34 -8.71 -6.09
CA CYS B 158 15.36 -8.67 -6.09
C CYS B 158 15.13 -9.14 -7.54
N GLU B 159 16.10 -9.85 -8.12
CA GLU B 159 15.88 -10.40 -9.45
C GLU B 159 14.64 -11.29 -9.40
N GLY B 160 13.71 -11.07 -10.32
CA GLY B 160 12.53 -11.91 -10.34
C GLY B 160 11.39 -11.47 -9.44
N LEU B 161 11.58 -10.38 -8.71
CA LEU B 161 10.50 -9.78 -7.93
C LEU B 161 9.36 -9.49 -8.90
N GLY B 162 8.16 -9.89 -8.53
CA GLY B 162 7.02 -9.80 -9.42
C GLY B 162 5.72 -9.57 -8.67
N LEU B 163 4.64 -9.41 -9.42
CA LEU B 163 3.34 -9.15 -8.81
C LEU B 163 2.90 -10.26 -7.86
N LYS B 164 3.35 -11.49 -8.12
CA LYS B 164 2.99 -12.61 -7.27
C LYS B 164 3.48 -12.39 -5.84
N HIS B 165 4.59 -11.68 -5.69
CA HIS B 165 5.12 -11.40 -4.36
C HIS B 165 4.31 -10.38 -3.57
N LEU B 166 3.48 -9.59 -4.27
CA LEU B 166 2.72 -8.52 -3.63
C LEU B 166 1.26 -8.91 -3.33
N TRP B 167 1.00 -10.20 -3.42
CA TRP B 167 -0.22 -10.79 -2.91
C TRP B 167 -0.42 -10.32 -1.48
N LYS B 168 -1.59 -9.77 -1.17
CA LYS B 168 -1.78 -9.06 0.07
C LYS B 168 -1.42 -9.84 1.34
N PRO B 169 -1.83 -11.12 1.44
CA PRO B 169 -1.46 -11.86 2.66
C PRO B 169 0.05 -12.03 2.81
N ALA B 170 0.79 -12.08 1.71
CA ALA B 170 2.26 -12.18 1.78
C ALA B 170 2.85 -10.87 2.29
N VAL B 171 2.36 -9.75 1.77
CA VAL B 171 2.86 -8.44 2.20
C VAL B 171 2.54 -8.26 3.68
N GLU B 172 1.35 -8.65 4.11
CA GLU B 172 0.98 -8.52 5.50
CA GLU B 172 0.97 -8.55 5.51
C GLU B 172 1.86 -9.37 6.42
N ALA B 173 2.10 -10.61 6.03
CA ALA B 173 2.94 -11.51 6.81
C ALA B 173 4.38 -10.97 6.87
N TYR B 174 4.86 -10.46 5.75
CA TYR B 174 6.22 -9.93 5.73
C TYR B 174 6.29 -8.71 6.64
N GLY B 175 5.24 -7.92 6.65
CA GLY B 175 5.18 -6.77 7.52
C GLY B 175 5.28 -7.18 8.97
N GLU B 176 4.67 -8.30 9.33
CA GLU B 176 4.74 -8.78 10.71
C GLU B 176 6.17 -9.15 11.06
N PHE B 177 6.88 -9.77 10.12
CA PHE B 177 8.29 -10.07 10.32
C PHE B 177 9.09 -8.78 10.52
N LEU B 178 8.85 -7.80 9.65
CA LEU B 178 9.64 -6.58 9.72
C LEU B 178 9.41 -5.85 11.05
N CYS B 179 8.17 -5.82 11.53
CA CYS B 179 7.90 -5.22 12.83
C CYS B 179 8.61 -5.97 13.94
N MET B 180 8.60 -7.30 13.88
CA MET B 180 9.29 -8.14 14.87
C MET B 180 10.79 -7.77 14.86
N PHE B 181 11.37 -7.65 13.67
CA PHE B 181 12.78 -7.34 13.54
C PHE B 181 13.08 -5.96 14.17
N GLU B 182 12.29 -4.95 13.85
CA GLU B 182 12.54 -3.61 14.34
C GLU B 182 12.38 -3.52 15.84
N GLU B 183 11.48 -4.30 16.40
CA GLU B 183 11.21 -4.22 17.85
CA GLU B 183 11.22 -4.20 17.85
C GLU B 183 12.17 -5.04 18.68
N ASN B 184 12.81 -6.04 18.08
CA ASN B 184 13.55 -7.02 18.86
C ASN B 184 15.03 -7.11 18.49
N TYR B 185 15.38 -6.56 17.33
CA TYR B 185 16.78 -6.60 16.88
C TYR B 185 17.22 -5.20 16.45
N PRO B 186 17.02 -4.22 17.34
CA PRO B 186 17.38 -2.84 16.99
C PRO B 186 18.86 -2.69 16.76
N GLU B 187 19.22 -1.79 15.85
CA GLU B 187 20.62 -1.39 15.64
C GLU B 187 21.51 -2.59 15.30
N THR B 188 20.94 -3.55 14.58
CA THR B 188 21.65 -4.76 14.18
C THR B 188 22.00 -4.69 12.68
N LEU B 189 21.21 -3.98 11.90
CA LEU B 189 21.52 -3.84 10.48
C LEU B 189 22.61 -2.81 10.28
N LYS B 190 23.69 -3.18 9.57
CA LYS B 190 24.72 -2.24 9.13
C LYS B 190 24.39 -1.61 7.79
N ARG B 191 24.03 -2.45 6.84
CA ARG B 191 23.75 -2.00 5.49
C ARG B 191 22.96 -3.08 4.78
N LEU B 192 22.02 -2.67 3.92
CA LEU B 192 21.32 -3.59 3.08
C LEU B 192 21.45 -3.13 1.64
N PHE B 193 21.98 -4.01 0.79
CA PHE B 193 22.20 -3.70 -0.62
C PHE B 193 21.15 -4.40 -1.46
N VAL B 194 20.30 -3.62 -2.13
CA VAL B 194 19.32 -4.17 -3.04
C VAL B 194 19.97 -4.32 -4.40
N VAL B 195 20.07 -5.56 -4.87
CA VAL B 195 20.65 -5.82 -6.19
C VAL B 195 19.64 -6.37 -7.18
N LYS B 196 19.82 -6.01 -8.45
CA LYS B 196 19.00 -6.51 -9.55
C LYS B 196 17.50 -6.18 -9.40
N ALA B 197 17.20 -5.04 -8.80
CA ALA B 197 15.82 -4.60 -8.64
C ALA B 197 15.19 -4.31 -10.00
N PRO B 198 14.02 -4.90 -10.27
CA PRO B 198 13.31 -4.56 -11.51
C PRO B 198 12.44 -3.30 -11.33
N LYS B 199 11.70 -2.94 -12.38
CA LYS B 199 10.92 -1.71 -12.34
C LYS B 199 9.84 -1.72 -11.25
N LEU B 200 9.39 -2.90 -10.84
CA LEU B 200 8.36 -3.02 -9.81
C LEU B 200 8.87 -2.60 -8.42
N PHE B 201 10.19 -2.53 -8.25
CA PHE B 201 10.74 -2.34 -6.92
C PHE B 201 10.19 -1.13 -6.14
N PRO B 202 10.10 0.06 -6.77
CA PRO B 202 9.62 1.19 -5.95
C PRO B 202 8.23 1.01 -5.35
N VAL B 203 7.33 0.40 -6.11
CA VAL B 203 6.00 0.08 -5.60
C VAL B 203 6.07 -0.93 -4.44
N ALA B 204 6.88 -1.98 -4.61
CA ALA B 204 7.05 -2.97 -3.57
C ALA B 204 7.63 -2.34 -2.31
N TYR B 205 8.66 -1.53 -2.50
CA TYR B 205 9.32 -0.87 -1.36
C TYR B 205 8.31 0.02 -0.63
N ASN B 206 7.48 0.75 -1.36
CA ASN B 206 6.47 1.58 -0.71
C ASN B 206 5.49 0.78 0.12
N LEU B 207 5.23 -0.47 -0.27
CA LEU B 207 4.30 -1.31 0.48
C LEU B 207 4.89 -1.74 1.81
N ILE B 208 6.21 -1.80 1.91
CA ILE B 208 6.75 -2.25 3.19
C ILE B 208 7.40 -1.15 4.01
N LYS B 209 7.60 0.05 3.44
CA LYS B 209 8.14 1.18 4.21
C LYS B 209 7.39 1.46 5.52
N PRO B 210 6.07 1.25 5.56
CA PRO B 210 5.37 1.52 6.83
C PRO B 210 5.83 0.64 7.98
N PHE B 211 6.51 -0.46 7.68
CA PHE B 211 6.92 -1.38 8.74
C PHE B 211 8.38 -1.16 9.16
N LEU B 212 9.08 -0.26 8.48
CA LEU B 212 10.49 -0.04 8.71
C LEU B 212 10.75 1.19 9.60
N SER B 213 11.83 1.15 10.37
CA SER B 213 12.26 2.34 11.09
C SER B 213 13.01 3.29 10.18
N GLU B 214 13.12 4.54 10.60
CA GLU B 214 13.93 5.49 9.85
C GLU B 214 15.39 5.03 9.83
N ASP B 215 15.86 4.43 10.94
CA ASP B 215 17.23 3.90 10.97
C ASP B 215 17.45 2.86 9.87
N THR B 216 16.52 1.93 9.72
CA THR B 216 16.66 0.90 8.71
C THR B 216 16.61 1.51 7.32
N ARG B 217 15.68 2.43 7.10
CA ARG B 217 15.55 3.04 5.78
CA ARG B 217 15.55 3.07 5.79
C ARG B 217 16.86 3.73 5.36
N LYS B 218 17.54 4.37 6.30
CA LYS B 218 18.80 5.04 6.00
C LYS B 218 19.89 4.07 5.56
N LYS B 219 19.75 2.81 5.92
CA LYS B 219 20.78 1.81 5.66
CA LYS B 219 20.78 1.82 5.66
C LYS B 219 20.51 0.98 4.40
N ILE B 220 19.37 1.24 3.77
CA ILE B 220 18.99 0.56 2.53
C ILE B 220 19.55 1.31 1.34
N MET B 221 20.40 0.62 0.57
CA MET B 221 21.07 1.18 -0.59
C MET B 221 20.62 0.41 -1.82
N VAL B 222 19.94 1.09 -2.74
CA VAL B 222 19.47 0.44 -3.95
C VAL B 222 20.55 0.62 -5.01
N LEU B 223 21.17 -0.50 -5.39
CA LEU B 223 22.32 -0.45 -6.31
C LEU B 223 21.83 -0.44 -7.75
N GLY B 224 22.72 0.02 -8.62
CA GLY B 224 22.48 0.04 -10.04
C GLY B 224 23.16 -1.08 -10.77
N ALA B 225 23.47 -0.82 -12.05
CA ALA B 225 23.92 -1.91 -12.89
C ALA B 225 25.32 -2.40 -12.50
N ASN B 226 26.13 -1.55 -11.88
CA ASN B 226 27.46 -1.94 -11.38
C ASN B 226 27.23 -2.30 -9.90
N TRP B 227 26.54 -3.43 -9.67
CA TRP B 227 26.22 -3.80 -8.29
C TRP B 227 27.34 -4.71 -7.86
N LYS B 228 27.91 -5.49 -8.78
CA LYS B 228 29.01 -6.36 -8.39
C LYS B 228 30.21 -5.56 -7.90
N GLU B 229 30.55 -4.49 -8.63
CA GLU B 229 31.65 -3.64 -8.24
C GLU B 229 31.44 -3.07 -6.84
N VAL B 230 30.22 -2.63 -6.57
CA VAL B 230 29.92 -2.07 -5.26
C VAL B 230 29.97 -3.12 -4.15
N LEU B 231 29.41 -4.30 -4.40
CA LEU B 231 29.49 -5.36 -3.38
C LEU B 231 30.93 -5.66 -3.04
N LEU B 232 31.77 -5.71 -4.07
CA LEU B 232 33.16 -6.10 -3.88
C LEU B 232 34.03 -5.00 -3.27
N LYS B 233 33.51 -3.79 -3.15
CA LYS B 233 34.16 -2.76 -2.37
C LYS B 233 33.83 -2.89 -0.88
N HIS B 234 32.84 -3.71 -0.56
CA HIS B 234 32.38 -3.87 0.82
C HIS B 234 32.67 -5.26 1.40
N ILE B 235 32.88 -6.24 0.52
CA ILE B 235 33.09 -7.62 0.89
C ILE B 235 34.20 -8.18 0.01
N SER B 236 35.13 -8.90 0.61
CA SER B 236 36.20 -9.52 -0.15
C SER B 236 35.68 -10.59 -1.13
N PRO B 237 36.29 -10.68 -2.32
CA PRO B 237 35.78 -11.65 -3.28
C PRO B 237 35.70 -13.08 -2.78
N ASP B 238 36.64 -13.51 -1.93
CA ASP B 238 36.64 -14.87 -1.45
C ASP B 238 35.51 -15.14 -0.45
N GLN B 239 34.81 -14.08 -0.06
CA GLN B 239 33.69 -14.16 0.87
C GLN B 239 32.34 -14.00 0.16
N VAL B 240 32.38 -13.84 -1.17
CA VAL B 240 31.15 -13.66 -1.96
C VAL B 240 31.01 -14.81 -2.95
N PRO B 241 29.83 -15.44 -3.03
CA PRO B 241 29.61 -16.48 -4.05
C PRO B 241 29.95 -16.01 -5.47
N VAL B 242 30.46 -16.91 -6.30
CA VAL B 242 30.62 -16.62 -7.73
C VAL B 242 29.34 -16.04 -8.34
N GLU B 243 28.19 -16.56 -7.91
CA GLU B 243 26.90 -16.07 -8.40
C GLU B 243 26.73 -14.56 -8.19
N TYR B 244 27.36 -14.00 -7.16
CA TYR B 244 27.22 -12.59 -6.79
C TYR B 244 28.48 -11.78 -7.09
N GLY B 245 29.38 -12.38 -7.87
CA GLY B 245 30.55 -11.67 -8.37
C GLY B 245 31.86 -12.00 -7.71
N GLY B 246 31.84 -12.84 -6.67
CA GLY B 246 33.05 -13.24 -5.98
C GLY B 246 33.65 -14.52 -6.51
N THR B 247 34.41 -15.20 -5.65
CA THR B 247 35.08 -16.44 -6.00
C THR B 247 34.69 -17.61 -5.09
N MET B 248 33.77 -17.42 -4.15
CA MET B 248 33.36 -18.51 -3.26
C MET B 248 32.47 -19.52 -3.95
N THR B 249 32.71 -20.80 -3.67
CA THR B 249 31.89 -21.88 -4.19
C THR B 249 31.54 -22.87 -3.06
N ASP B 250 30.60 -23.76 -3.32
CA ASP B 250 30.40 -24.92 -2.47
C ASP B 250 31.64 -25.80 -2.61
N PRO B 251 31.87 -26.70 -1.65
CA PRO B 251 32.97 -27.66 -1.76
C PRO B 251 32.98 -28.42 -3.09
N ASP B 252 31.81 -28.68 -3.65
CA ASP B 252 31.71 -29.38 -4.93
CA ASP B 252 31.71 -29.38 -4.93
C ASP B 252 31.85 -28.44 -6.13
N GLY B 253 32.20 -27.18 -5.86
CA GLY B 253 32.40 -26.20 -6.92
C GLY B 253 31.19 -25.36 -7.32
N ASN B 254 30.02 -25.63 -6.73
CA ASN B 254 28.80 -24.94 -7.17
C ASN B 254 28.92 -23.44 -6.92
N PRO B 255 28.73 -22.62 -7.97
CA PRO B 255 28.98 -21.19 -7.80
C PRO B 255 27.91 -20.46 -6.98
N LYS B 256 26.80 -21.12 -6.71
CA LYS B 256 25.70 -20.50 -5.95
C LYS B 256 25.86 -20.65 -4.44
N CYS B 257 26.84 -21.43 -3.99
CA CYS B 257 27.02 -21.65 -2.58
C CYS B 257 25.72 -22.13 -1.91
N LYS B 258 25.09 -23.12 -2.53
CA LYS B 258 23.81 -23.65 -2.07
C LYS B 258 23.89 -24.32 -0.72
N SER B 259 25.09 -24.69 -0.28
CA SER B 259 25.23 -25.28 1.03
C SER B 259 24.99 -24.26 2.14
N LYS B 260 25.06 -22.98 1.79
CA LYS B 260 24.85 -21.89 2.72
C LYS B 260 23.59 -21.08 2.40
N ILE B 261 23.27 -20.97 1.12
CA ILE B 261 22.15 -20.13 0.68
C ILE B 261 21.05 -20.98 0.05
N ASN B 262 19.81 -20.84 0.53
CA ASN B 262 18.66 -21.50 -0.04
C ASN B 262 18.08 -20.63 -1.16
N TYR B 263 17.81 -21.23 -2.30
CA TYR B 263 17.33 -20.48 -3.47
C TYR B 263 15.83 -20.70 -3.75
N GLY B 264 15.09 -21.15 -2.74
CA GLY B 264 13.65 -21.19 -2.85
C GLY B 264 13.18 -22.20 -3.90
N GLY B 265 12.19 -21.79 -4.69
CA GLY B 265 11.56 -22.64 -5.67
C GLY B 265 10.08 -22.83 -5.42
N ASP B 266 9.36 -23.27 -6.45
CA ASP B 266 7.94 -23.53 -6.32
C ASP B 266 7.70 -24.75 -5.41
N ILE B 267 6.75 -24.60 -4.52
CA ILE B 267 6.47 -25.61 -3.51
C ILE B 267 5.53 -26.68 -4.06
N PRO B 268 5.98 -27.95 -3.99
CA PRO B 268 5.12 -29.06 -4.42
C PRO B 268 3.84 -29.13 -3.64
N ARG B 269 2.76 -29.53 -4.32
CA ARG B 269 1.45 -29.54 -3.73
C ARG B 269 1.31 -30.48 -2.51
N LYS B 270 2.19 -31.47 -2.39
CA LYS B 270 2.13 -32.40 -1.24
C LYS B 270 2.30 -31.65 0.09
N TYR B 271 2.87 -30.45 0.06
CA TYR B 271 3.06 -29.67 1.27
C TYR B 271 1.87 -28.80 1.67
N TYR B 272 0.91 -28.60 0.78
CA TYR B 272 -0.17 -27.67 1.10
C TYR B 272 -1.01 -28.21 2.25
N VAL B 273 -1.34 -27.32 3.18
CA VAL B 273 -2.15 -27.68 4.34
C VAL B 273 -3.48 -26.95 4.38
N ARG B 274 -3.68 -26.03 3.41
CA ARG B 274 -4.92 -25.28 3.25
C ARG B 274 -5.12 -24.84 1.80
N ASP B 275 -6.31 -24.33 1.50
CA ASP B 275 -6.64 -23.89 0.14
C ASP B 275 -6.99 -22.40 0.07
N GLN B 276 -6.94 -21.71 1.21
CA GLN B 276 -7.05 -20.27 1.22
C GLN B 276 -6.46 -19.75 2.51
N VAL B 277 -6.04 -18.49 2.51
CA VAL B 277 -5.48 -17.85 3.70
C VAL B 277 -6.43 -16.78 4.24
#